data_3K5R
#
_entry.id   3K5R
#
_cell.length_a   107.716
_cell.length_b   107.716
_cell.length_c   226.698
_cell.angle_alpha   90.000
_cell.angle_beta   90.000
_cell.angle_gamma   120.000
#
_symmetry.space_group_name_H-M   'H 3 2'
#
loop_
_entity.id
_entity.type
_entity.pdbx_description
1 polymer 'Cadherin 13'
2 water water
#
_entity_poly.entity_id   1
_entity_poly.type   'polypeptide(L)'
_entity_poly.pdbx_seq_one_letter_code
;SGIVVSPILIPENQRQPFPRDVGKVVDSDRPEGSKFRLTGKGVDQDPKGTFRINENTGSVSVTRTLDRETIATYQLYVET
TDASGKTLEGPVPLEVIVIDQNDNRPIFREGPYIGHVMEGSPTGTTVMRMTAFDADDPATDNALLRYNIRQQTPDKPSPN
MFYIDPEKGDIVTVVSPALLDRETLENPKYELIIEAQDMAGLDVGLTGTATATIVIDD
;
_entity_poly.pdbx_strand_id   A,B
#
# COMPACT_ATOMS: atom_id res chain seq x y z
N SER A 1 23.23 56.83 26.69
CA SER A 1 22.63 55.69 27.46
C SER A 1 23.67 54.69 28.02
N GLY A 2 24.49 55.14 28.96
CA GLY A 2 25.58 54.29 29.42
C GLY A 2 25.17 53.03 30.17
N ILE A 3 26.11 52.53 30.93
CA ILE A 3 25.85 51.38 31.76
C ILE A 3 25.00 51.91 32.90
N VAL A 4 23.99 51.15 33.25
CA VAL A 4 23.17 51.49 34.41
C VAL A 4 23.15 50.30 35.37
N VAL A 5 23.40 50.56 36.63
CA VAL A 5 23.40 49.53 37.65
C VAL A 5 22.48 49.87 38.79
N SER A 6 22.19 48.83 39.57
CA SER A 6 21.54 48.92 40.87
C SER A 6 22.29 48.06 41.87
N PRO A 7 22.23 48.42 43.17
CA PRO A 7 22.77 47.47 44.21
C PRO A 7 22.00 46.16 44.11
N ILE A 8 22.70 45.10 44.35
CA ILE A 8 22.16 43.74 44.25
C ILE A 8 22.09 43.24 45.70
N LEU A 9 20.87 43.00 46.19
CA LEU A 9 20.70 42.51 47.56
C LEU A 9 20.41 41.04 47.48
N ILE A 10 21.23 40.22 48.14
CA ILE A 10 21.05 38.78 48.11
C ILE A 10 20.78 38.24 49.49
N PRO A 11 19.64 37.55 49.69
CA PRO A 11 19.41 36.94 51.00
C PRO A 11 20.49 35.95 51.33
N GLU A 12 20.99 35.97 52.55
CA GLU A 12 21.95 34.98 52.95
C GLU A 12 21.24 33.62 53.04
N ASN A 13 22.03 32.55 53.02
CA ASN A 13 21.49 31.19 53.14
C ASN A 13 20.52 30.75 52.01
N GLN A 14 20.73 31.24 50.79
CA GLN A 14 19.92 30.77 49.67
C GLN A 14 20.13 29.27 49.56
N ARG A 15 19.07 28.56 49.20
CA ARG A 15 19.14 27.11 49.06
C ARG A 15 19.59 26.73 47.65
N GLN A 16 19.94 25.47 47.50
CA GLN A 16 20.09 24.82 46.21
C GLN A 16 18.77 24.95 45.41
N PRO A 17 18.84 24.96 44.05
CA PRO A 17 20.06 24.94 43.27
C PRO A 17 20.63 26.30 42.87
N PHE A 18 21.88 26.23 42.43
CA PHE A 18 22.60 27.36 41.88
C PHE A 18 23.05 27.00 40.47
N PRO A 19 23.38 28.01 39.62
CA PRO A 19 23.34 29.46 39.97
C PRO A 19 21.93 30.04 40.10
N ARG A 20 21.82 31.20 40.71
CA ARG A 20 20.58 31.96 40.59
C ARG A 20 20.82 33.38 40.19
N ASP A 21 19.89 33.89 39.41
CA ASP A 21 19.93 35.28 38.98
C ASP A 21 19.68 36.15 40.18
N VAL A 22 20.47 37.22 40.32
CA VAL A 22 20.31 38.11 41.45
C VAL A 22 20.13 39.56 41.05
N GLY A 23 20.48 39.88 39.81
CA GLY A 23 20.36 41.25 39.34
C GLY A 23 20.77 41.34 37.89
N LYS A 24 20.90 42.58 37.42
CA LYS A 24 21.16 42.81 36.01
C LYS A 24 21.84 44.15 35.82
N VAL A 25 22.67 44.23 34.82
CA VAL A 25 23.29 45.49 34.45
C VAL A 25 22.63 45.88 33.14
N VAL A 26 22.32 47.16 32.97
CA VAL A 26 21.78 47.62 31.71
C VAL A 26 22.79 48.47 30.93
N ASP A 27 22.79 48.31 29.61
CA ASP A 27 23.42 49.23 28.70
C ASP A 27 22.72 49.07 27.39
N SER A 28 21.64 49.82 27.19
CA SER A 28 20.70 49.51 26.13
C SER A 28 21.25 49.79 24.72
N ASP A 29 22.08 50.81 24.60
CA ASP A 29 22.67 51.21 23.31
C ASP A 29 24.12 50.72 23.08
N ARG A 30 24.47 49.66 23.81
CA ARG A 30 25.66 48.83 23.61
C ARG A 30 25.85 48.53 22.14
N PRO A 31 27.04 48.79 21.58
CA PRO A 31 27.22 48.45 20.16
C PRO A 31 27.33 46.95 19.88
N GLU A 32 27.07 46.52 18.63
CA GLU A 32 27.22 45.11 18.26
C GLU A 32 28.70 44.69 18.41
N GLY A 33 28.95 43.47 18.88
CA GLY A 33 30.32 43.04 19.21
C GLY A 33 30.59 43.16 20.71
N SER A 34 30.02 44.20 21.31
CA SER A 34 30.06 44.51 22.73
C SER A 34 29.69 43.35 23.68
N LYS A 35 30.37 43.27 24.82
CA LYS A 35 30.01 42.30 25.88
C LYS A 35 30.30 42.89 27.24
N PHE A 36 29.61 42.39 28.26
CA PHE A 36 29.80 42.80 29.62
C PHE A 36 30.91 42.01 30.31
N ARG A 37 31.67 42.71 31.14
CA ARG A 37 32.76 42.12 31.94
C ARG A 37 32.57 42.54 33.37
N LEU A 38 32.56 41.57 34.26
CA LEU A 38 32.30 41.79 35.68
C LEU A 38 33.59 41.41 36.40
N THR A 39 33.96 42.19 37.41
CA THR A 39 35.21 41.99 38.14
C THR A 39 35.02 42.38 39.60
N GLY A 40 35.97 41.97 40.43
CA GLY A 40 35.92 42.31 41.84
C GLY A 40 35.99 41.13 42.79
N LYS A 41 35.90 41.45 44.08
CA LYS A 41 35.90 40.48 45.17
C LYS A 41 34.69 39.59 44.97
N GLY A 42 34.91 38.28 44.81
CA GLY A 42 33.77 37.40 44.56
C GLY A 42 33.65 37.07 43.10
N VAL A 43 34.46 37.72 42.26
CA VAL A 43 34.37 37.47 40.82
C VAL A 43 35.72 36.92 40.37
N ASP A 44 36.66 37.82 40.04
CA ASP A 44 38.02 37.42 39.63
C ASP A 44 39.02 37.48 40.82
N GLN A 45 38.55 37.94 41.97
CA GLN A 45 39.34 37.92 43.20
C GLN A 45 38.60 37.13 44.28
N ASP A 46 39.32 36.75 45.33
CA ASP A 46 38.79 35.90 46.41
C ASP A 46 37.64 36.47 47.23
N PRO A 47 36.50 35.74 47.35
CA PRO A 47 36.15 34.36 46.88
C PRO A 47 35.78 34.18 45.39
N LYS A 48 36.73 33.67 44.60
CA LYS A 48 36.61 33.62 43.13
C LYS A 48 35.37 32.87 42.63
N GLY A 49 34.71 33.42 41.62
CA GLY A 49 33.58 32.74 41.02
C GLY A 49 32.28 32.67 41.78
N THR A 50 32.14 33.47 42.83
CA THR A 50 30.90 33.61 43.58
C THR A 50 29.85 34.25 42.69
N PHE A 51 30.25 35.26 41.90
CA PHE A 51 29.32 35.92 40.98
C PHE A 51 29.80 35.86 39.53
N ARG A 52 28.84 35.89 38.60
CA ARG A 52 29.14 35.82 37.16
C ARG A 52 28.17 36.78 36.47
N ILE A 53 28.54 37.19 35.28
CA ILE A 53 27.62 37.99 34.51
C ILE A 53 27.54 37.30 33.16
N ASN A 54 26.33 37.21 32.61
CA ASN A 54 26.13 36.83 31.22
C ASN A 54 26.66 37.98 30.41
N GLU A 55 27.71 37.70 29.65
CA GLU A 55 28.46 38.70 28.91
C GLU A 55 27.59 39.31 27.81
N ASN A 56 26.57 38.58 27.36
CA ASN A 56 25.64 39.12 26.38
C ASN A 56 24.45 39.92 26.92
N THR A 57 23.82 39.43 27.98
CA THR A 57 22.55 40.00 28.45
C THR A 57 22.67 40.90 29.65
N GLY A 58 23.78 40.69 30.39
CA GLY A 58 24.13 41.48 31.53
C GLY A 58 23.44 41.00 32.78
N SER A 59 22.87 39.81 32.73
CA SER A 59 22.27 39.23 33.92
C SER A 59 23.35 38.81 34.91
N VAL A 60 23.19 39.14 36.20
CA VAL A 60 24.16 38.76 37.21
C VAL A 60 23.63 37.57 38.01
N SER A 61 24.48 36.56 38.20
CA SER A 61 24.05 35.42 38.98
C SER A 61 25.01 35.15 40.14
N VAL A 62 24.52 34.45 41.14
CA VAL A 62 25.37 33.99 42.26
C VAL A 62 25.45 32.48 42.16
N THR A 63 26.62 31.92 42.50
CA THR A 63 26.86 30.52 42.19
C THR A 63 26.87 29.63 43.40
N ARG A 64 26.73 30.24 44.57
CA ARG A 64 26.69 29.45 45.80
C ARG A 64 25.88 30.17 46.84
N THR A 65 25.53 29.44 47.90
CA THR A 65 24.96 30.06 49.09
C THR A 65 25.92 31.03 49.80
N LEU A 66 25.36 32.08 50.40
CA LEU A 66 26.14 33.13 51.08
C LEU A 66 25.81 33.21 52.55
N ASP A 67 26.82 33.59 53.33
CA ASP A 67 26.70 33.77 54.75
C ASP A 67 27.09 35.22 55.04
N ARG A 68 26.15 36.00 55.56
CA ARG A 68 26.41 37.43 55.79
C ARG A 68 27.54 37.64 56.81
N GLU A 69 27.62 36.78 57.82
CA GLU A 69 28.72 36.84 58.80
C GLU A 69 30.12 36.66 58.19
N THR A 70 30.19 35.97 57.05
CA THR A 70 31.49 35.70 56.40
C THR A 70 31.91 36.90 55.56
N ILE A 71 31.12 37.22 54.54
CA ILE A 71 31.22 38.49 53.83
C ILE A 71 29.83 39.13 53.74
N ALA A 72 29.68 40.33 54.30
CA ALA A 72 28.45 41.12 54.24
C ALA A 72 28.22 41.88 52.91
N THR A 73 29.31 42.35 52.29
CA THR A 73 29.18 43.08 50.99
C THR A 73 30.28 42.69 50.04
N TYR A 74 30.03 42.86 48.74
CA TYR A 74 31.05 42.68 47.73
C TYR A 74 31.05 43.88 46.80
N GLN A 75 32.21 44.46 46.58
CA GLN A 75 32.31 45.55 45.61
C GLN A 75 32.69 44.98 44.24
N LEU A 76 31.73 44.98 43.32
CA LEU A 76 31.94 44.50 41.97
C LEU A 76 32.12 45.70 41.06
N TYR A 77 32.56 45.44 39.82
CA TYR A 77 32.67 46.47 38.79
C TYR A 77 32.19 45.86 37.48
N VAL A 78 31.59 46.67 36.62
CA VAL A 78 31.15 46.11 35.36
C VAL A 78 31.59 47.06 34.27
N GLU A 79 32.01 46.52 33.15
CA GLU A 79 32.31 47.32 31.99
C GLU A 79 31.75 46.62 30.78
N THR A 80 31.75 47.32 29.65
CA THR A 80 31.61 46.68 28.35
C THR A 80 32.96 46.73 27.63
N THR A 81 33.18 45.72 26.78
CA THR A 81 34.40 45.57 26.00
C THR A 81 34.04 45.18 24.56
N ASP A 82 34.95 45.49 23.63
CA ASP A 82 35.06 44.97 22.24
C ASP A 82 35.03 43.44 22.18
N ALA A 83 35.04 42.89 20.97
CA ALA A 83 35.22 41.44 20.80
C ALA A 83 36.63 41.08 21.27
N SER A 84 37.61 41.87 20.83
CA SER A 84 38.99 41.82 21.34
C SER A 84 39.11 41.77 22.87
N GLY A 85 38.47 42.73 23.55
CA GLY A 85 38.66 42.91 24.99
C GLY A 85 38.96 44.34 25.44
N LYS A 86 38.93 45.27 24.46
CA LYS A 86 39.08 46.72 24.70
C LYS A 86 37.86 47.31 25.41
N THR A 87 38.10 48.15 26.42
CA THR A 87 37.01 48.69 27.24
C THR A 87 36.22 49.80 26.56
N LEU A 88 34.89 49.70 26.60
CA LEU A 88 34.05 50.67 25.94
C LEU A 88 33.40 51.62 26.93
N GLU A 89 32.59 51.11 27.85
CA GLU A 89 32.07 51.94 28.93
C GLU A 89 32.85 51.58 30.22
N GLY A 90 33.92 52.35 30.51
CA GLY A 90 34.86 52.18 31.67
C GLY A 90 34.07 51.72 32.87
N PRO A 91 34.77 51.08 33.86
CA PRO A 91 34.10 50.34 34.95
C PRO A 91 33.24 51.17 35.88
N VAL A 92 32.12 50.58 36.25
CA VAL A 92 31.07 51.20 37.04
C VAL A 92 30.98 50.31 38.27
N PRO A 93 31.00 50.91 39.48
CA PRO A 93 30.84 50.09 40.63
C PRO A 93 29.44 49.54 40.72
N LEU A 94 29.37 48.36 41.28
CA LEU A 94 28.15 47.62 41.47
C LEU A 94 28.31 46.90 42.82
N GLU A 95 27.52 47.26 43.82
CA GLU A 95 27.62 46.57 45.12
C GLU A 95 26.66 45.40 45.29
N VAL A 96 27.20 44.27 45.72
CA VAL A 96 26.35 43.23 46.29
C VAL A 96 26.34 43.27 47.82
N ILE A 97 25.13 43.20 48.33
CA ILE A 97 24.91 43.32 49.77
C ILE A 97 24.20 42.04 50.14
N VAL A 98 24.74 41.34 51.12
CA VAL A 98 24.12 40.11 51.62
C VAL A 98 23.14 40.50 52.72
N ILE A 99 21.90 40.13 52.56
CA ILE A 99 20.84 40.54 53.52
C ILE A 99 20.78 39.54 54.66
N ASP A 100 20.62 40.01 55.89
CA ASP A 100 20.40 39.10 57.00
C ASP A 100 19.13 38.28 56.79
N GLN A 101 19.21 36.97 57.06
CA GLN A 101 18.00 36.16 56.91
C GLN A 101 16.84 36.61 57.80
N ASN A 102 17.13 37.37 58.85
CA ASN A 102 16.08 38.00 59.69
C ASN A 102 15.68 39.44 59.28
N ASP A 103 16.16 39.88 58.12
CA ASP A 103 15.82 41.19 57.59
C ASP A 103 14.78 40.95 56.50
N ASN A 104 13.51 41.20 56.84
CA ASN A 104 12.38 40.90 55.99
C ASN A 104 11.84 42.11 55.23
N ARG A 105 12.65 43.18 55.15
CA ARG A 105 12.24 44.39 54.47
C ARG A 105 11.97 44.09 52.98
N PRO A 106 10.95 44.73 52.41
CA PRO A 106 10.70 44.59 50.98
C PRO A 106 11.87 45.05 50.12
N ILE A 107 12.10 44.33 49.02
CA ILE A 107 13.20 44.55 48.11
C ILE A 107 12.60 44.61 46.70
N PHE A 108 12.94 45.65 45.96
CA PHE A 108 12.65 45.78 44.54
C PHE A 108 13.80 45.05 43.84
N ARG A 109 13.54 43.90 43.23
CA ARG A 109 14.66 43.11 42.69
C ARG A 109 14.97 43.26 41.21
N GLU A 110 14.11 43.98 40.51
CA GLU A 110 14.07 43.98 39.04
C GLU A 110 14.73 45.25 38.47
N GLY A 111 15.55 45.95 39.26
CA GLY A 111 16.24 47.15 38.78
C GLY A 111 17.52 46.81 38.04
N PRO A 112 18.17 47.83 37.44
CA PRO A 112 17.83 49.25 37.41
C PRO A 112 16.45 49.54 36.83
N TYR A 113 15.72 50.47 37.43
CA TYR A 113 14.44 50.84 36.92
C TYR A 113 14.53 52.11 36.11
N ILE A 114 14.24 51.96 34.82
CA ILE A 114 14.45 53.00 33.86
C ILE A 114 13.14 53.09 33.06
N GLY A 115 12.47 54.23 33.13
CA GLY A 115 11.27 54.42 32.39
C GLY A 115 11.42 55.52 31.36
N HIS A 116 10.50 55.53 30.41
CA HIS A 116 10.44 56.47 29.30
C HIS A 116 9.01 56.81 29.09
N VAL A 117 8.76 58.09 28.83
CA VAL A 117 7.44 58.56 28.47
C VAL A 117 7.53 59.57 27.31
N MET A 118 6.69 59.38 26.28
CA MET A 118 6.70 60.31 25.14
C MET A 118 6.17 61.69 25.55
N GLU A 119 6.79 62.75 25.06
CA GLU A 119 6.28 64.07 25.36
C GLU A 119 4.85 64.19 24.84
N GLY A 120 4.03 64.99 25.51
CA GLY A 120 2.62 65.14 25.08
C GLY A 120 1.77 63.93 25.45
N SER A 121 2.31 62.98 26.24
CA SER A 121 1.46 61.83 26.62
C SER A 121 0.28 62.25 27.49
N PRO A 122 -0.89 61.62 27.24
CA PRO A 122 -2.08 61.91 27.99
C PRO A 122 -1.85 61.78 29.48
N THR A 123 -2.59 62.55 30.28
CA THR A 123 -2.53 62.33 31.73
C THR A 123 -2.93 60.86 32.02
N GLY A 124 -2.27 60.18 32.94
CA GLY A 124 -2.62 58.79 33.26
C GLY A 124 -1.89 57.81 32.37
N THR A 125 -0.87 58.27 31.63
CA THR A 125 -0.03 57.35 30.84
C THR A 125 0.82 56.52 31.78
N THR A 126 0.76 55.20 31.63
CA THR A 126 1.61 54.32 32.43
C THR A 126 3.04 54.35 31.91
N VAL A 127 3.98 54.60 32.81
CA VAL A 127 5.38 54.63 32.43
C VAL A 127 6.05 53.23 32.62
N MET A 128 5.85 52.69 33.80
CA MET A 128 6.45 51.42 34.15
C MET A 128 5.79 50.96 35.45
N ARG A 129 6.07 49.73 35.87
CA ARG A 129 5.52 49.20 37.12
C ARG A 129 6.69 48.79 37.97
N MET A 130 6.66 49.10 39.25
CA MET A 130 7.75 48.70 40.13
C MET A 130 7.12 48.01 41.32
N THR A 131 7.53 46.80 41.65
CA THR A 131 6.93 46.08 42.75
C THR A 131 8.02 45.42 43.52
N ALA A 132 7.74 45.21 44.80
CA ALA A 132 8.71 44.62 45.69
C ALA A 132 8.39 43.13 45.86
N PHE A 133 9.38 42.37 46.30
CA PHE A 133 9.27 40.90 46.40
C PHE A 133 8.98 40.18 45.08
N ASP A 134 8.63 38.90 45.16
CA ASP A 134 8.40 38.17 43.92
C ASP A 134 7.00 38.53 43.35
N ALA A 135 5.94 37.97 43.92
CA ALA A 135 4.57 37.91 43.30
C ALA A 135 4.47 36.72 42.34
N ASP A 136 3.59 35.76 42.67
CA ASP A 136 3.53 34.41 42.06
C ASP A 136 4.35 33.43 42.91
N ASP A 137 5.11 33.98 43.86
CA ASP A 137 5.81 33.23 44.91
C ASP A 137 4.84 32.83 46.04
N PRO A 138 5.31 31.96 46.99
CA PRO A 138 4.69 31.86 48.33
C PRO A 138 4.27 33.25 48.85
N ALA A 139 2.97 33.42 49.01
CA ALA A 139 2.34 34.71 48.75
C ALA A 139 2.95 35.96 49.38
N THR A 140 3.51 36.75 48.49
CA THR A 140 3.78 38.17 48.67
C THR A 140 2.50 38.92 49.11
N ASP A 141 1.32 38.32 48.82
CA ASP A 141 -0.02 38.80 49.24
C ASP A 141 -0.08 39.23 50.74
N ASN A 142 0.64 38.48 51.58
CA ASN A 142 0.54 38.62 53.04
C ASN A 142 1.04 39.96 53.60
N ALA A 143 1.96 40.56 52.87
CA ALA A 143 2.62 41.83 53.23
C ALA A 143 1.72 43.00 53.04
N LEU A 144 0.70 42.87 52.19
CA LEU A 144 -0.16 44.01 51.78
C LEU A 144 0.74 45.21 51.43
N LEU A 145 1.59 45.05 50.41
CA LEU A 145 2.55 46.12 50.12
C LEU A 145 1.83 47.29 49.56
N ARG A 146 2.24 48.49 50.00
CA ARG A 146 1.70 49.72 49.40
C ARG A 146 2.85 50.58 48.98
N TYR A 147 2.69 51.26 47.86
CA TYR A 147 3.81 51.92 47.19
C TYR A 147 3.54 53.42 47.24
N ASN A 148 4.64 54.17 47.28
CA ASN A 148 4.62 55.63 47.33
C ASN A 148 5.89 56.18 46.68
N ILE A 149 5.75 57.31 45.99
CA ILE A 149 6.91 58.05 45.48
C ILE A 149 7.32 58.99 46.58
N ARG A 150 8.47 58.70 47.17
CA ARG A 150 8.95 59.40 48.30
C ARG A 150 9.52 60.74 47.87
N GLN A 151 10.18 60.77 46.72
CA GLN A 151 10.91 62.00 46.26
C GLN A 151 10.99 61.99 44.76
N GLN A 152 10.91 63.18 44.18
CA GLN A 152 11.12 63.42 42.76
C GLN A 152 12.14 64.52 42.63
N THR A 153 13.21 64.27 41.87
CA THR A 153 14.21 65.31 41.57
C THR A 153 14.40 65.35 40.05
N PRO A 154 14.35 66.57 39.43
CA PRO A 154 14.15 67.87 40.09
C PRO A 154 12.68 68.03 40.51
N ASP A 155 12.38 69.05 41.30
CA ASP A 155 11.02 69.21 41.78
C ASP A 155 10.24 70.17 40.91
N LYS A 156 10.60 70.24 39.63
CA LYS A 156 10.07 71.22 38.69
C LYS A 156 9.80 70.52 37.39
N PRO A 157 8.79 71.01 36.63
CA PRO A 157 7.93 72.18 36.84
C PRO A 157 6.77 71.95 37.80
N SER A 158 6.43 70.69 38.01
CA SER A 158 5.56 70.25 39.07
C SER A 158 6.36 69.30 40.00
N PRO A 159 6.14 69.41 41.32
CA PRO A 159 6.73 68.57 42.34
C PRO A 159 6.24 67.13 42.27
N ASN A 160 5.14 66.89 41.55
CA ASN A 160 4.58 65.56 41.42
C ASN A 160 4.17 65.32 39.97
N MET A 161 5.16 65.11 39.11
CA MET A 161 4.87 64.73 37.71
C MET A 161 4.20 63.38 37.53
N PHE A 162 4.46 62.46 38.46
CA PHE A 162 4.02 61.07 38.38
C PHE A 162 3.34 60.68 39.69
N TYR A 163 2.71 59.49 39.66
CA TYR A 163 1.98 58.96 40.79
C TYR A 163 2.15 57.44 40.63
N ILE A 164 2.46 56.76 41.73
CA ILE A 164 2.56 55.30 41.68
C ILE A 164 1.25 54.75 42.25
N ASP A 165 0.60 53.85 41.51
CA ASP A 165 -0.56 53.15 42.11
C ASP A 165 -0.16 52.47 43.44
N PRO A 166 -0.79 52.88 44.59
CA PRO A 166 -0.44 52.31 45.88
C PRO A 166 -0.43 50.78 45.88
N GLU A 167 -1.41 50.15 45.24
CA GLU A 167 -1.52 48.70 45.22
C GLU A 167 -0.68 48.04 44.16
N LYS A 168 -0.71 48.55 42.93
CA LYS A 168 -0.13 47.80 41.81
C LYS A 168 1.32 48.16 41.50
N GLY A 169 1.72 49.32 41.94
CA GLY A 169 3.08 49.80 41.64
C GLY A 169 3.25 50.40 40.24
N ASP A 170 2.13 50.63 39.53
CA ASP A 170 2.14 51.25 38.20
C ASP A 170 2.43 52.74 38.31
N ILE A 171 3.49 53.20 37.63
CA ILE A 171 3.83 54.62 37.71
C ILE A 171 3.16 55.29 36.49
N VAL A 172 2.36 56.31 36.75
CA VAL A 172 1.65 57.03 35.71
C VAL A 172 1.99 58.53 35.77
N THR A 173 1.82 59.19 34.62
CA THR A 173 1.92 60.64 34.60
C THR A 173 0.65 61.19 35.14
N VAL A 174 0.76 62.29 35.89
CA VAL A 174 -0.44 62.94 36.40
C VAL A 174 -0.54 64.41 35.99
N VAL A 175 0.35 64.83 35.08
CA VAL A 175 0.38 66.23 34.60
C VAL A 175 -0.24 66.33 33.21
N SER A 176 -0.64 67.53 32.81
CA SER A 176 -1.22 67.76 31.54
C SER A 176 -0.21 67.32 30.47
N PRO A 177 -0.70 66.83 29.30
CA PRO A 177 0.21 66.53 28.23
C PRO A 177 1.07 67.74 27.87
N ALA A 178 0.53 68.93 28.06
CA ALA A 178 1.24 70.13 27.67
C ALA A 178 2.54 70.33 28.50
N LEU A 179 2.54 69.82 29.71
CA LEU A 179 3.68 70.00 30.61
C LEU A 179 4.80 69.06 30.27
N LEU A 180 4.47 67.93 29.65
CA LEU A 180 5.44 66.93 29.17
C LEU A 180 6.02 67.29 27.83
N ASP A 181 7.09 68.08 27.85
CA ASP A 181 7.68 68.61 26.65
C ASP A 181 9.13 68.84 26.95
N ARG A 182 10.06 68.21 26.20
CA ARG A 182 11.50 68.36 26.49
C ARG A 182 11.96 69.78 26.60
N GLU A 183 11.56 70.62 25.65
CA GLU A 183 12.11 71.94 25.55
C GLU A 183 11.82 72.87 26.72
N THR A 184 10.77 72.56 27.47
CA THR A 184 10.26 73.45 28.50
C THR A 184 10.57 72.85 29.88
N LEU A 185 10.97 71.58 29.85
CA LEU A 185 11.52 70.88 30.99
C LEU A 185 12.99 71.27 31.22
N GLU A 186 13.25 71.72 32.44
CA GLU A 186 14.58 72.25 32.79
C GLU A 186 15.53 71.07 32.77
N ASN A 187 15.01 69.95 33.27
CA ASN A 187 15.69 68.67 33.24
C ASN A 187 14.69 67.61 32.79
N PRO A 188 14.91 67.01 31.60
CA PRO A 188 13.88 66.04 31.16
C PRO A 188 14.02 64.64 31.78
N LYS A 189 15.02 64.43 32.63
CA LYS A 189 15.11 63.16 33.34
C LYS A 189 14.84 63.37 34.81
N TYR A 190 13.91 62.60 35.32
CA TYR A 190 13.53 62.63 36.73
C TYR A 190 14.14 61.42 37.42
N GLU A 191 14.69 61.64 38.63
CA GLU A 191 15.04 60.55 39.52
C GLU A 191 13.98 60.44 40.61
N LEU A 192 13.41 59.24 40.77
CA LEU A 192 12.37 59.02 41.75
C LEU A 192 12.92 58.09 42.84
N ILE A 193 12.49 58.32 44.08
CA ILE A 193 12.72 57.34 45.12
C ILE A 193 11.36 56.76 45.38
N ILE A 194 11.27 55.45 45.16
CA ILE A 194 10.03 54.74 45.39
C ILE A 194 10.14 53.91 46.65
N GLU A 195 9.08 53.87 47.45
CA GLU A 195 9.11 53.10 48.71
C GLU A 195 8.01 52.10 48.69
N ALA A 196 8.27 50.92 49.25
CA ALA A 196 7.24 49.89 49.47
C ALA A 196 7.14 49.71 50.96
N GLN A 197 5.93 49.55 51.49
CA GLN A 197 5.79 49.30 52.93
C GLN A 197 4.81 48.16 53.08
N ASP A 198 5.19 47.17 53.89
CA ASP A 198 4.26 46.13 54.37
C ASP A 198 3.18 46.78 55.22
N MET A 199 1.94 46.74 54.74
CA MET A 199 0.78 47.22 55.52
C MET A 199 0.08 46.17 56.37
N ALA A 200 0.53 44.92 56.30
CA ALA A 200 -0.10 43.87 57.12
C ALA A 200 0.87 42.75 57.23
N GLY A 201 0.45 41.68 57.89
CA GLY A 201 1.32 40.54 58.11
C GLY A 201 2.32 40.72 59.23
N LEU A 202 3.11 39.71 59.42
CA LEU A 202 4.07 39.69 60.50
C LEU A 202 5.15 40.75 60.40
N ASP A 203 5.39 41.28 59.19
CA ASP A 203 6.44 42.25 58.99
C ASP A 203 5.80 43.61 58.72
N VAL A 204 4.59 43.77 59.25
CA VAL A 204 3.90 45.04 59.12
C VAL A 204 4.88 46.22 59.48
N GLY A 205 4.91 47.25 58.64
CA GLY A 205 5.66 48.46 58.94
C GLY A 205 7.04 48.50 58.28
N LEU A 206 7.55 47.34 57.87
CA LEU A 206 8.86 47.31 57.19
C LEU A 206 8.77 48.01 55.84
N THR A 207 9.85 48.70 55.49
CA THR A 207 9.87 49.48 54.24
C THR A 207 11.14 49.21 53.46
N GLY A 208 11.07 49.38 52.16
CA GLY A 208 12.23 49.28 51.33
C GLY A 208 12.08 50.31 50.26
N THR A 209 13.17 50.66 49.58
CA THR A 209 13.15 51.73 48.59
C THR A 209 13.99 51.31 47.40
N ALA A 210 13.69 51.91 46.27
CA ALA A 210 14.57 51.77 45.10
C ALA A 210 14.53 53.09 44.41
N THR A 211 15.51 53.35 43.57
CA THR A 211 15.39 54.54 42.70
C THR A 211 14.94 54.15 41.32
N ALA A 212 14.31 55.09 40.62
CA ALA A 212 13.97 54.89 39.26
C ALA A 212 14.27 56.20 38.54
N THR A 213 14.58 56.11 37.26
CA THR A 213 14.61 57.30 36.42
C THR A 213 13.49 57.25 35.37
N ILE A 214 12.94 58.39 35.03
CA ILE A 214 12.01 58.51 33.95
C ILE A 214 12.42 59.66 33.06
N VAL A 215 12.61 59.34 31.79
CA VAL A 215 13.04 60.30 30.78
C VAL A 215 11.83 60.67 29.93
N ILE A 216 11.67 61.97 29.67
CA ILE A 216 10.61 62.44 28.80
C ILE A 216 11.29 62.47 27.43
N ASP A 217 10.76 61.69 26.49
CA ASP A 217 11.42 61.47 25.19
C ASP A 217 10.77 62.17 24.05
N ASP A 218 11.57 62.38 22.99
CA ASP A 218 11.26 62.99 21.67
C ASP A 218 10.68 62.04 20.61
N SER B 1 -11.68 -40.80 -51.08
CA SER B 1 -10.36 -40.81 -51.79
C SER B 1 -9.25 -41.24 -50.81
N GLY B 2 -8.37 -42.12 -51.29
CA GLY B 2 -7.28 -42.66 -50.47
C GLY B 2 -7.74 -43.65 -49.43
N ILE B 3 -6.79 -44.14 -48.63
CA ILE B 3 -7.04 -45.17 -47.63
C ILE B 3 -7.97 -44.67 -46.54
N VAL B 4 -9.03 -45.43 -46.22
CA VAL B 4 -9.88 -45.07 -45.09
C VAL B 4 -10.09 -46.32 -44.26
N VAL B 5 -9.92 -46.20 -42.94
CA VAL B 5 -10.03 -47.31 -42.01
C VAL B 5 -10.96 -46.98 -40.87
N SER B 6 -11.44 -48.03 -40.21
CA SER B 6 -12.19 -47.97 -38.95
C SER B 6 -11.53 -48.96 -38.01
N PRO B 7 -11.61 -48.75 -36.67
CA PRO B 7 -11.18 -49.77 -35.73
C PRO B 7 -11.97 -51.07 -35.96
N ILE B 8 -11.34 -52.23 -35.80
CA ILE B 8 -12.04 -53.51 -36.06
C ILE B 8 -12.26 -54.15 -34.71
N LEU B 9 -13.52 -54.33 -34.33
CA LEU B 9 -13.86 -54.89 -33.03
C LEU B 9 -14.25 -56.34 -33.27
N ILE B 10 -13.70 -57.26 -32.51
CA ILE B 10 -13.93 -58.66 -32.78
C ILE B 10 -14.28 -59.30 -31.47
N PRO B 11 -15.52 -59.84 -31.37
CA PRO B 11 -15.97 -60.54 -30.16
C PRO B 11 -14.98 -61.63 -29.88
N GLU B 12 -14.55 -61.83 -28.64
CA GLU B 12 -13.72 -63.00 -28.38
C GLU B 12 -14.57 -64.28 -28.53
N ASN B 13 -13.90 -65.44 -28.57
CA ASN B 13 -14.57 -66.75 -28.68
C ASN B 13 -15.51 -66.92 -29.87
N GLN B 14 -15.21 -66.34 -31.04
CA GLN B 14 -16.01 -66.60 -32.21
C GLN B 14 -15.93 -68.09 -32.54
N ARG B 15 -17.02 -68.63 -33.10
CA ARG B 15 -17.12 -70.04 -33.43
C ARG B 15 -16.51 -70.35 -34.82
N GLN B 16 -16.09 -71.61 -34.96
CA GLN B 16 -15.70 -72.22 -36.21
C GLN B 16 -16.94 -72.09 -37.15
N PRO B 17 -16.74 -71.95 -38.49
CA PRO B 17 -15.47 -72.02 -39.20
C PRO B 17 -14.81 -70.70 -39.42
N PHE B 18 -13.51 -70.79 -39.58
CA PHE B 18 -12.71 -69.64 -39.95
C PHE B 18 -12.14 -69.91 -41.33
N PRO B 19 -11.75 -68.85 -42.06
CA PRO B 19 -11.71 -67.44 -41.69
C PRO B 19 -13.11 -66.74 -41.58
N ARG B 20 -13.16 -65.61 -40.86
CA ARG B 20 -14.33 -64.75 -40.82
C ARG B 20 -13.94 -63.35 -41.20
N ASP B 21 -14.75 -62.70 -42.05
CA ASP B 21 -14.53 -61.27 -42.34
C ASP B 21 -14.85 -60.47 -41.12
N VAL B 22 -13.98 -59.52 -40.81
CA VAL B 22 -14.12 -58.74 -39.57
C VAL B 22 -14.11 -57.22 -39.83
N GLY B 23 -13.61 -56.80 -41.00
CA GLY B 23 -13.61 -55.38 -41.32
C GLY B 23 -13.12 -55.15 -42.71
N LYS B 24 -12.90 -53.90 -43.07
CA LYS B 24 -12.56 -53.63 -44.44
C LYS B 24 -11.78 -52.35 -44.50
N VAL B 25 -10.82 -52.31 -45.41
CA VAL B 25 -10.14 -51.07 -45.74
C VAL B 25 -10.72 -50.48 -47.07
N VAL B 26 -11.02 -49.18 -47.06
CA VAL B 26 -11.70 -48.57 -48.22
C VAL B 26 -10.60 -47.76 -48.92
N ASP B 27 -10.64 -47.76 -50.27
CA ASP B 27 -9.82 -46.82 -51.03
C ASP B 27 -10.39 -46.68 -52.43
N SER B 28 -11.17 -45.64 -52.67
CA SER B 28 -11.96 -45.53 -53.88
C SER B 28 -11.11 -45.25 -55.13
N ASP B 29 -9.92 -44.74 -54.91
CA ASP B 29 -9.12 -44.23 -56.04
C ASP B 29 -7.67 -44.70 -56.14
N ARG B 30 -7.35 -45.78 -55.42
CA ARG B 30 -6.16 -46.66 -55.53
C ARG B 30 -5.78 -46.64 -57.04
N PRO B 31 -4.46 -46.44 -57.40
CA PRO B 31 -4.13 -46.62 -58.83
C PRO B 31 -4.45 -48.03 -59.32
N GLU B 32 -4.70 -48.18 -60.62
CA GLU B 32 -4.82 -49.51 -61.22
C GLU B 32 -3.55 -50.32 -60.88
N GLY B 33 -3.76 -51.58 -60.46
CA GLY B 33 -2.67 -52.52 -60.21
C GLY B 33 -2.07 -52.47 -58.80
N SER B 34 -2.49 -51.47 -58.01
CA SER B 34 -2.11 -51.37 -56.60
C SER B 34 -2.76 -52.50 -55.79
N LYS B 35 -2.34 -52.66 -54.54
CA LYS B 35 -2.76 -53.79 -53.71
C LYS B 35 -2.72 -53.29 -52.32
N PHE B 36 -3.51 -53.91 -51.43
CA PHE B 36 -3.36 -53.67 -50.01
C PHE B 36 -2.27 -54.54 -49.40
N ARG B 37 -1.60 -53.99 -48.39
CA ARG B 37 -0.65 -54.73 -47.57
C ARG B 37 -0.93 -54.52 -46.11
N LEU B 38 -1.15 -55.61 -45.39
CA LEU B 38 -1.46 -55.55 -43.97
C LEU B 38 -0.27 -56.05 -43.15
N THR B 39 0.08 -55.35 -42.07
CA THR B 39 1.20 -55.77 -41.26
C THR B 39 0.95 -55.51 -39.77
N GLY B 40 1.80 -56.04 -38.92
CA GLY B 40 1.65 -55.84 -37.50
C GLY B 40 1.58 -57.13 -36.72
N LYS B 41 1.50 -56.96 -35.40
CA LYS B 41 1.28 -58.03 -34.44
C LYS B 41 0.02 -58.75 -34.85
N GLY B 42 0.13 -60.05 -35.00
CA GLY B 42 -1.00 -60.82 -35.46
C GLY B 42 -1.07 -61.05 -36.96
N VAL B 43 -0.16 -60.45 -37.71
CA VAL B 43 -0.14 -60.63 -39.17
C VAL B 43 1.18 -61.24 -39.53
N ASP B 44 2.20 -60.39 -39.69
CA ASP B 44 3.56 -60.85 -40.05
C ASP B 44 4.50 -60.84 -38.83
N GLN B 45 3.94 -60.55 -37.67
CA GLN B 45 4.70 -60.58 -36.43
C GLN B 45 3.88 -61.35 -35.41
N ASP B 46 4.60 -61.94 -34.47
CA ASP B 46 4.08 -62.86 -33.48
C ASP B 46 2.74 -62.39 -33.00
N PRO B 47 1.82 -63.37 -32.80
CA PRO B 47 0.68 -64.15 -33.24
C PRO B 47 0.52 -64.21 -34.77
N LYS B 48 1.50 -64.80 -35.48
CA LYS B 48 1.52 -64.68 -36.96
C LYS B 48 0.25 -65.25 -37.65
N GLY B 49 -0.23 -64.59 -38.71
CA GLY B 49 -1.31 -65.14 -39.50
C GLY B 49 -2.66 -65.12 -38.83
N THR B 50 -2.78 -64.34 -37.75
CA THR B 50 -4.05 -64.11 -37.12
C THR B 50 -5.02 -63.37 -38.04
N PHE B 51 -4.54 -62.30 -38.66
CA PHE B 51 -5.36 -61.51 -39.57
C PHE B 51 -4.76 -61.52 -40.96
N ARG B 52 -5.64 -61.32 -41.93
CA ARG B 52 -5.25 -61.31 -43.33
C ARG B 52 -6.03 -60.17 -43.99
N ILE B 53 -5.47 -59.52 -44.99
CA ILE B 53 -6.32 -58.60 -45.79
C ILE B 53 -6.41 -59.24 -47.15
N ASN B 54 -7.53 -59.08 -47.85
CA ASN B 54 -7.55 -59.47 -49.25
C ASN B 54 -6.85 -58.29 -49.95
N GLU B 55 -5.74 -58.55 -50.65
CA GLU B 55 -4.93 -57.45 -51.22
C GLU B 55 -5.65 -56.66 -52.31
N ASN B 56 -6.77 -57.21 -52.82
CA ASN B 56 -7.55 -56.47 -53.83
C ASN B 56 -8.86 -55.80 -53.32
N THR B 57 -9.62 -56.49 -52.48
CA THR B 57 -10.92 -55.96 -52.03
C THR B 57 -10.75 -55.12 -50.75
N GLY B 58 -9.65 -55.32 -50.03
CA GLY B 58 -9.42 -54.63 -48.73
C GLY B 58 -10.21 -55.24 -47.57
N SER B 59 -10.85 -56.38 -47.80
CA SER B 59 -11.54 -57.13 -46.75
C SER B 59 -10.53 -57.71 -45.78
N VAL B 60 -10.72 -57.46 -44.48
CA VAL B 60 -9.81 -57.97 -43.42
C VAL B 60 -10.52 -59.14 -42.75
N SER B 61 -9.81 -60.26 -42.60
CA SER B 61 -10.40 -61.44 -41.98
C SER B 61 -9.53 -61.92 -40.82
N VAL B 62 -10.17 -62.65 -39.91
CA VAL B 62 -9.53 -63.31 -38.79
C VAL B 62 -9.56 -64.83 -39.07
N THR B 63 -8.44 -65.53 -38.84
CA THR B 63 -8.30 -66.94 -39.24
C THR B 63 -8.53 -67.90 -38.05
N ARG B 64 -8.71 -67.34 -36.87
CA ARG B 64 -8.84 -68.18 -35.69
C ARG B 64 -9.66 -67.46 -34.63
N THR B 65 -10.10 -68.21 -33.62
CA THR B 65 -10.77 -67.65 -32.46
C THR B 65 -9.80 -66.90 -31.57
N LEU B 66 -10.29 -65.82 -30.97
CA LEU B 66 -9.45 -64.97 -30.12
C LEU B 66 -9.93 -64.98 -28.69
N ASP B 67 -9.01 -64.70 -27.80
CA ASP B 67 -9.21 -64.63 -26.39
C ASP B 67 -8.69 -63.28 -25.92
N ARG B 68 -9.56 -62.42 -25.41
CA ARG B 68 -9.16 -61.09 -25.00
C ARG B 68 -8.10 -61.13 -23.89
N GLU B 69 -8.20 -62.13 -23.01
CA GLU B 69 -7.26 -62.33 -21.91
C GLU B 69 -5.81 -62.57 -22.35
N THR B 70 -5.67 -63.12 -23.54
CA THR B 70 -4.38 -63.43 -24.12
C THR B 70 -3.76 -62.17 -24.72
N ILE B 71 -4.46 -61.61 -25.71
CA ILE B 71 -4.16 -60.31 -26.26
C ILE B 71 -5.50 -59.57 -26.45
N ALA B 72 -5.56 -58.32 -26.00
CA ALA B 72 -6.82 -57.56 -26.04
C ALA B 72 -6.88 -56.60 -27.24
N THR B 73 -5.73 -56.16 -27.73
CA THR B 73 -5.64 -55.26 -28.89
C THR B 73 -4.43 -55.57 -29.76
N TYR B 74 -4.61 -55.42 -31.06
CA TYR B 74 -3.54 -55.60 -32.04
C TYR B 74 -3.41 -54.31 -32.83
N GLN B 75 -2.22 -53.73 -32.85
CA GLN B 75 -1.97 -52.58 -33.68
C GLN B 75 -1.53 -53.07 -35.04
N LEU B 76 -2.42 -52.92 -36.01
CA LEU B 76 -2.08 -53.26 -37.39
C LEU B 76 -1.78 -51.97 -38.20
N TYR B 77 -1.27 -52.17 -39.40
CA TYR B 77 -0.93 -51.10 -40.33
C TYR B 77 -1.36 -51.61 -41.68
N VAL B 78 -2.00 -50.76 -42.48
CA VAL B 78 -2.31 -51.06 -43.84
C VAL B 78 -1.68 -50.00 -44.76
N GLU B 79 -1.20 -50.45 -45.89
CA GLU B 79 -0.74 -49.50 -46.86
C GLU B 79 -1.22 -50.03 -48.16
N THR B 80 -1.09 -49.21 -49.20
CA THR B 80 -1.18 -49.70 -50.57
C THR B 80 0.22 -49.74 -51.14
N THR B 81 0.42 -50.66 -52.08
CA THR B 81 1.71 -50.84 -52.68
C THR B 81 1.46 -50.91 -54.18
N ASP B 82 2.47 -50.60 -54.98
CA ASP B 82 2.34 -50.84 -56.41
C ASP B 82 2.42 -52.35 -56.62
N ALA B 83 2.32 -52.78 -57.87
CA ALA B 83 2.33 -54.20 -58.19
C ALA B 83 3.64 -54.92 -57.76
N SER B 84 4.74 -54.17 -57.68
CA SER B 84 6.04 -54.62 -57.14
C SER B 84 6.09 -54.87 -55.65
N GLY B 85 5.18 -54.25 -54.89
CA GLY B 85 5.20 -54.35 -53.43
C GLY B 85 5.77 -53.12 -52.73
N LYS B 86 6.03 -52.05 -53.48
CA LYS B 86 6.54 -50.74 -52.97
C LYS B 86 5.43 -49.84 -52.43
N THR B 87 5.61 -49.27 -51.23
CA THR B 87 4.58 -48.41 -50.60
C THR B 87 4.17 -47.28 -51.57
N LEU B 88 2.87 -47.05 -51.65
CA LEU B 88 2.29 -45.91 -52.33
C LEU B 88 1.66 -44.95 -51.32
N GLU B 89 0.67 -45.44 -50.57
CA GLU B 89 0.09 -44.71 -49.48
C GLU B 89 0.57 -45.43 -48.23
N GLY B 90 1.58 -44.80 -47.61
CA GLY B 90 2.30 -45.14 -46.33
C GLY B 90 1.26 -45.59 -45.38
N PRO B 91 1.70 -46.21 -44.26
CA PRO B 91 0.88 -47.11 -43.51
C PRO B 91 -0.01 -46.33 -42.56
N VAL B 92 -1.28 -46.72 -42.54
CA VAL B 92 -2.27 -46.05 -41.73
C VAL B 92 -2.46 -47.03 -40.58
N PRO B 93 -2.40 -46.56 -39.32
CA PRO B 93 -2.68 -47.45 -38.23
C PRO B 93 -4.14 -47.96 -38.28
N LEU B 94 -4.32 -49.22 -37.91
CA LEU B 94 -5.61 -49.88 -37.95
C LEU B 94 -5.62 -50.72 -36.67
N GLU B 95 -6.44 -50.40 -35.68
CA GLU B 95 -6.41 -51.20 -34.47
C GLU B 95 -7.51 -52.28 -34.52
N VAL B 96 -7.16 -53.48 -34.05
CA VAL B 96 -8.18 -54.46 -33.73
C VAL B 96 -8.34 -54.59 -32.23
N ILE B 97 -9.58 -54.54 -31.81
CA ILE B 97 -9.91 -54.53 -30.40
C ILE B 97 -10.68 -55.83 -30.17
N VAL B 98 -10.21 -56.66 -29.23
CA VAL B 98 -10.92 -57.94 -28.96
C VAL B 98 -11.93 -57.63 -27.87
N ILE B 99 -13.20 -57.88 -28.18
CA ILE B 99 -14.26 -57.53 -27.25
C ILE B 99 -14.54 -58.66 -26.29
N ASP B 100 -14.59 -58.32 -25.01
CA ASP B 100 -14.97 -59.25 -23.97
C ASP B 100 -16.35 -59.91 -24.24
N GLN B 101 -16.45 -61.20 -23.96
CA GLN B 101 -17.68 -61.97 -24.17
C GLN B 101 -18.82 -61.36 -23.38
N ASN B 102 -18.48 -60.68 -22.27
CA ASN B 102 -19.49 -60.03 -21.42
C ASN B 102 -19.70 -58.52 -21.70
N ASP B 103 -18.95 -57.96 -22.66
CA ASP B 103 -19.22 -56.63 -23.19
C ASP B 103 -20.25 -56.76 -24.34
N ASN B 104 -21.49 -56.45 -24.03
CA ASN B 104 -22.61 -56.62 -24.99
C ASN B 104 -23.04 -55.34 -25.67
N ARG B 105 -22.17 -54.35 -25.64
CA ARG B 105 -22.53 -53.07 -26.24
C ARG B 105 -22.71 -53.20 -27.74
N PRO B 106 -23.65 -52.43 -28.34
CA PRO B 106 -23.85 -52.36 -29.79
C PRO B 106 -22.52 -52.05 -30.51
N ILE B 107 -22.19 -52.79 -31.57
CA ILE B 107 -21.05 -52.49 -32.45
C ILE B 107 -21.54 -52.30 -33.88
N PHE B 108 -21.05 -51.24 -34.52
CA PHE B 108 -21.28 -50.95 -35.93
C PHE B 108 -20.17 -51.67 -36.68
N ARG B 109 -20.54 -52.68 -37.46
CA ARG B 109 -19.59 -53.66 -38.01
C ARG B 109 -19.10 -53.35 -39.47
N GLU B 110 -19.82 -52.46 -40.14
CA GLU B 110 -19.65 -52.26 -41.58
C GLU B 110 -18.84 -50.98 -41.89
N GLY B 111 -18.80 -50.53 -43.10
CA GLY B 111 -17.66 -49.54 -43.31
C GLY B 111 -16.21 -49.72 -42.69
N PRO B 112 -15.38 -48.62 -42.66
CA PRO B 112 -15.63 -47.19 -42.50
C PRO B 112 -16.89 -46.75 -43.17
N TYR B 113 -17.62 -45.88 -42.51
CA TYR B 113 -18.87 -45.37 -42.97
C TYR B 113 -18.65 -44.02 -43.69
N ILE B 114 -18.87 -44.03 -44.99
CA ILE B 114 -18.63 -42.83 -45.76
C ILE B 114 -19.84 -42.58 -46.63
N GLY B 115 -20.42 -41.41 -46.52
CA GLY B 115 -21.56 -41.13 -47.33
C GLY B 115 -21.31 -39.93 -48.19
N HIS B 116 -22.13 -39.80 -49.22
CA HIS B 116 -22.04 -38.69 -50.12
C HIS B 116 -23.46 -38.18 -50.36
N VAL B 117 -23.62 -36.87 -50.48
CA VAL B 117 -24.92 -36.28 -50.81
C VAL B 117 -24.67 -35.19 -51.85
N MET B 118 -25.52 -35.16 -52.87
CA MET B 118 -25.32 -34.21 -53.95
C MET B 118 -25.77 -32.86 -53.41
N GLU B 119 -25.02 -31.80 -53.70
CA GLU B 119 -25.45 -30.44 -53.35
C GLU B 119 -26.85 -30.19 -53.93
N GLY B 120 -27.60 -29.39 -53.23
CA GLY B 120 -28.91 -29.00 -53.70
C GLY B 120 -29.90 -30.11 -53.52
N SER B 121 -29.51 -31.19 -52.81
CA SER B 121 -30.48 -32.29 -52.57
C SER B 121 -31.68 -31.84 -51.75
N PRO B 122 -32.90 -32.34 -52.08
CA PRO B 122 -34.01 -31.97 -51.24
C PRO B 122 -33.92 -32.43 -49.80
N THR B 123 -34.59 -31.70 -48.93
CA THR B 123 -34.74 -32.14 -47.56
C THR B 123 -35.32 -33.58 -47.54
N GLY B 124 -34.77 -34.43 -46.67
CA GLY B 124 -35.16 -35.81 -46.52
C GLY B 124 -34.43 -36.69 -47.51
N THR B 125 -33.38 -36.16 -48.15
CA THR B 125 -32.54 -37.01 -48.97
C THR B 125 -31.78 -38.05 -48.11
N THR B 126 -31.93 -39.32 -48.41
CA THR B 126 -31.14 -40.38 -47.72
C THR B 126 -29.68 -40.36 -48.13
N VAL B 127 -28.80 -40.35 -47.15
CA VAL B 127 -27.40 -40.38 -47.45
C VAL B 127 -26.87 -41.81 -47.35
N MET B 128 -27.20 -42.50 -46.25
CA MET B 128 -26.61 -43.80 -45.96
C MET B 128 -27.36 -44.38 -44.77
N ARG B 129 -27.23 -45.68 -44.54
CA ARG B 129 -27.84 -46.29 -43.37
C ARG B 129 -26.71 -46.82 -42.53
N MET B 130 -26.79 -46.61 -41.23
CA MET B 130 -25.84 -47.23 -40.31
C MET B 130 -26.63 -47.97 -39.22
N THR B 131 -26.31 -49.23 -39.02
CA THR B 131 -27.00 -50.02 -38.00
C THR B 131 -25.91 -50.83 -37.26
N ALA B 132 -26.24 -51.22 -36.03
CA ALA B 132 -25.34 -51.93 -35.16
C ALA B 132 -25.69 -53.39 -35.22
N PHE B 133 -24.71 -54.23 -34.86
CA PHE B 133 -24.82 -55.67 -34.91
C PHE B 133 -24.98 -56.18 -36.33
N ASP B 134 -25.28 -57.47 -36.44
CA ASP B 134 -25.53 -58.02 -37.75
C ASP B 134 -26.77 -57.41 -38.46
N ALA B 135 -27.98 -57.69 -37.96
CA ALA B 135 -29.23 -57.43 -38.72
C ALA B 135 -29.52 -58.68 -39.54
N ASP B 136 -30.74 -59.21 -39.35
CA ASP B 136 -31.10 -60.57 -39.79
C ASP B 136 -30.10 -61.63 -39.30
N ASP B 137 -29.86 -61.59 -37.99
CA ASP B 137 -29.10 -62.62 -37.26
C ASP B 137 -30.02 -63.24 -36.17
N PRO B 138 -29.58 -64.35 -35.50
CA PRO B 138 -30.05 -64.53 -34.12
C PRO B 138 -30.20 -63.13 -33.53
N ALA B 139 -31.43 -62.78 -33.17
CA ALA B 139 -31.88 -61.42 -33.47
C ALA B 139 -31.37 -60.19 -32.72
N THR B 140 -30.89 -59.27 -33.54
CA THR B 140 -30.54 -57.92 -33.17
C THR B 140 -31.78 -57.19 -32.63
N ASP B 141 -33.00 -57.64 -33.05
CA ASP B 141 -34.30 -57.09 -32.61
C ASP B 141 -34.54 -57.09 -31.07
N ASN B 142 -33.87 -57.99 -30.36
CA ASN B 142 -34.03 -58.02 -28.92
C ASN B 142 -33.60 -56.75 -28.20
N ALA B 143 -32.66 -56.06 -28.84
CA ALA B 143 -31.97 -54.92 -28.28
C ALA B 143 -32.82 -53.67 -28.41
N LEU B 144 -33.73 -53.67 -29.36
CA LEU B 144 -34.53 -52.48 -29.68
C LEU B 144 -33.62 -51.27 -29.75
N LEU B 145 -32.64 -51.32 -30.66
CA LEU B 145 -31.69 -50.25 -30.88
C LEU B 145 -32.39 -48.98 -31.32
N ARG B 146 -31.94 -47.90 -30.72
CA ARG B 146 -32.35 -46.63 -31.16
C ARG B 146 -31.11 -45.83 -31.46
N TYR B 147 -31.11 -45.13 -32.59
CA TYR B 147 -29.90 -44.46 -33.12
C TYR B 147 -30.06 -42.95 -33.00
N ASN B 148 -28.93 -42.26 -32.80
CA ASN B 148 -28.93 -40.78 -32.84
C ASN B 148 -27.59 -40.27 -33.27
N ILE B 149 -27.57 -39.05 -33.79
CA ILE B 149 -26.32 -38.36 -34.14
C ILE B 149 -25.92 -37.62 -32.89
N ARG B 150 -24.85 -38.08 -32.25
CA ARG B 150 -24.38 -37.52 -30.98
C ARG B 150 -23.63 -36.24 -31.29
N GLN B 151 -22.94 -36.19 -32.41
CA GLN B 151 -22.16 -35.00 -32.72
C GLN B 151 -22.03 -34.82 -34.22
N GLN B 152 -21.97 -33.58 -34.66
CA GLN B 152 -21.60 -33.26 -36.04
C GLN B 152 -20.56 -32.18 -36.04
N THR B 153 -19.47 -32.37 -36.79
CA THR B 153 -18.45 -31.35 -36.95
C THR B 153 -18.20 -31.16 -38.44
N PRO B 154 -18.10 -29.90 -38.90
CA PRO B 154 -18.27 -28.70 -38.08
C PRO B 154 -19.75 -28.47 -37.75
N ASP B 155 -20.05 -27.42 -36.99
CA ASP B 155 -21.47 -27.14 -36.65
C ASP B 155 -22.18 -26.08 -37.49
N LYS B 156 -21.85 -26.01 -38.79
CA LYS B 156 -22.24 -24.94 -39.69
C LYS B 156 -22.49 -25.56 -41.06
N PRO B 157 -23.44 -25.00 -41.88
CA PRO B 157 -24.31 -23.82 -41.65
C PRO B 157 -25.46 -24.10 -40.67
N SER B 158 -25.64 -25.37 -40.34
CA SER B 158 -26.57 -25.76 -39.33
C SER B 158 -25.93 -26.79 -38.40
N PRO B 159 -26.20 -26.72 -37.12
CA PRO B 159 -25.65 -27.69 -36.18
C PRO B 159 -26.24 -29.07 -36.37
N ASN B 160 -27.34 -29.20 -37.13
CA ASN B 160 -27.94 -30.51 -37.38
C ASN B 160 -28.30 -30.60 -38.88
N MET B 161 -27.29 -30.75 -39.73
CA MET B 161 -27.52 -30.91 -41.18
C MET B 161 -28.27 -32.18 -41.47
N PHE B 162 -28.07 -33.20 -40.60
CA PHE B 162 -28.55 -34.56 -40.85
C PHE B 162 -29.39 -35.08 -39.70
N TYR B 163 -30.10 -36.18 -39.94
CA TYR B 163 -30.93 -36.78 -38.93
C TYR B 163 -30.88 -38.26 -39.22
N ILE B 164 -30.69 -39.06 -38.18
CA ILE B 164 -30.70 -40.53 -38.30
C ILE B 164 -32.03 -41.03 -37.79
N ASP B 165 -32.65 -41.90 -38.55
CA ASP B 165 -33.94 -42.40 -38.16
C ASP B 165 -33.65 -43.22 -36.90
N PRO B 166 -34.33 -42.90 -35.77
CA PRO B 166 -33.99 -43.61 -34.53
C PRO B 166 -34.16 -45.13 -34.68
N GLU B 167 -35.15 -45.60 -35.42
CA GLU B 167 -35.35 -47.03 -35.58
C GLU B 167 -34.48 -47.66 -36.68
N LYS B 168 -34.48 -47.05 -37.87
CA LYS B 168 -33.91 -47.70 -39.07
C LYS B 168 -32.41 -47.43 -39.31
N GLY B 169 -31.88 -46.37 -38.75
CA GLY B 169 -30.50 -46.06 -38.93
C GLY B 169 -30.22 -45.26 -40.21
N ASP B 170 -31.28 -44.91 -40.95
CA ASP B 170 -31.09 -44.12 -42.17
C ASP B 170 -30.80 -42.70 -41.84
N ILE B 171 -29.71 -42.19 -42.42
CA ILE B 171 -29.31 -40.80 -42.22
C ILE B 171 -29.81 -40.00 -43.39
N VAL B 172 -30.55 -38.92 -43.11
CA VAL B 172 -31.08 -38.10 -44.17
C VAL B 172 -30.70 -36.69 -43.88
N THR B 173 -30.78 -35.85 -44.91
CA THR B 173 -30.58 -34.40 -44.75
C THR B 173 -31.81 -33.80 -44.20
N VAL B 174 -31.67 -32.79 -43.35
CA VAL B 174 -32.87 -32.14 -42.76
C VAL B 174 -32.85 -30.63 -42.97
N VAL B 175 -31.95 -30.23 -43.87
CA VAL B 175 -31.74 -28.84 -44.19
C VAL B 175 -32.34 -28.50 -45.54
N SER B 176 -32.64 -27.21 -45.71
CA SER B 176 -32.95 -26.65 -46.99
C SER B 176 -31.92 -27.10 -48.00
N PRO B 177 -32.35 -27.37 -49.24
CA PRO B 177 -31.34 -27.67 -50.28
C PRO B 177 -30.27 -26.55 -50.47
N ALA B 178 -30.63 -25.29 -50.20
CA ALA B 178 -29.71 -24.15 -50.29
C ALA B 178 -28.53 -24.24 -49.30
N LEU B 179 -28.71 -24.91 -48.17
CA LEU B 179 -27.64 -25.15 -47.22
C LEU B 179 -26.65 -26.26 -47.67
N LEU B 180 -27.06 -27.07 -48.64
CA LEU B 180 -26.21 -28.08 -49.26
C LEU B 180 -25.56 -27.60 -50.55
N ASP B 181 -24.37 -26.99 -50.41
CA ASP B 181 -23.65 -26.30 -51.50
C ASP B 181 -22.14 -26.53 -51.32
N ARG B 182 -21.28 -25.90 -52.13
CA ARG B 182 -19.83 -25.99 -51.85
C ARG B 182 -19.18 -24.61 -51.87
N GLU B 183 -19.63 -23.79 -52.81
CA GLU B 183 -19.25 -22.40 -52.88
C GLU B 183 -19.73 -21.64 -51.65
N THR B 184 -20.70 -22.21 -50.94
CA THR B 184 -21.31 -21.51 -49.81
C THR B 184 -20.94 -22.08 -48.40
N LEU B 185 -20.85 -23.42 -48.29
CA LEU B 185 -20.41 -24.11 -47.09
C LEU B 185 -18.87 -23.94 -46.98
N GLU B 186 -18.39 -23.41 -45.87
CA GLU B 186 -16.94 -23.25 -45.65
C GLU B 186 -16.19 -24.61 -45.57
N ASN B 187 -16.95 -25.69 -45.37
CA ASN B 187 -16.36 -27.01 -45.26
C ASN B 187 -17.35 -28.07 -45.76
N PRO B 188 -16.93 -28.84 -46.82
CA PRO B 188 -17.77 -29.81 -47.58
C PRO B 188 -17.71 -31.27 -47.06
N LYS B 189 -17.18 -31.47 -45.85
CA LYS B 189 -17.14 -32.81 -45.24
C LYS B 189 -17.59 -32.66 -43.78
N TYR B 190 -18.51 -33.49 -43.34
CA TYR B 190 -19.01 -33.49 -41.97
C TYR B 190 -18.56 -34.77 -41.31
N GLU B 191 -18.03 -34.72 -40.11
CA GLU B 191 -17.78 -35.93 -39.38
C GLU B 191 -18.86 -36.09 -38.35
N LEU B 192 -19.48 -37.27 -38.30
CA LEU B 192 -20.59 -37.50 -37.44
C LEU B 192 -20.18 -38.56 -36.46
N ILE B 193 -20.67 -38.45 -35.24
CA ILE B 193 -20.56 -39.57 -34.29
C ILE B 193 -21.97 -40.08 -34.16
N ILE B 194 -22.17 -41.37 -34.42
CA ILE B 194 -23.51 -41.92 -34.40
C ILE B 194 -23.52 -42.83 -33.20
N GLU B 195 -24.61 -42.85 -32.44
CA GLU B 195 -24.70 -43.73 -31.25
C GLU B 195 -25.89 -44.67 -31.44
N ALA B 196 -25.71 -45.96 -31.05
CA ALA B 196 -26.82 -46.92 -30.94
C ALA B 196 -27.01 -47.21 -29.45
N GLN B 197 -28.22 -47.22 -28.99
CA GLN B 197 -28.48 -47.49 -27.58
C GLN B 197 -29.50 -48.61 -27.50
N ASP B 198 -29.18 -49.68 -26.76
CA ASP B 198 -30.22 -50.70 -26.48
C ASP B 198 -31.36 -50.11 -25.62
N MET B 199 -32.56 -50.10 -26.15
CA MET B 199 -33.77 -49.68 -25.39
C MET B 199 -34.54 -50.81 -24.75
N ALA B 200 -34.11 -52.06 -24.99
CA ALA B 200 -34.81 -53.19 -24.43
C ALA B 200 -33.85 -54.34 -24.39
N GLY B 201 -34.33 -55.46 -23.91
CA GLY B 201 -33.49 -56.64 -23.78
C GLY B 201 -32.62 -56.67 -22.52
N LEU B 202 -31.81 -57.70 -22.43
CA LEU B 202 -31.10 -57.92 -21.19
C LEU B 202 -29.99 -56.87 -21.00
N ASP B 203 -29.62 -56.24 -22.10
CA ASP B 203 -28.53 -55.25 -22.13
C ASP B 203 -29.09 -53.87 -22.36
N VAL B 204 -30.34 -53.67 -21.99
CA VAL B 204 -30.95 -52.34 -22.05
C VAL B 204 -29.97 -51.30 -21.45
N GLY B 205 -29.79 -50.20 -22.14
CA GLY B 205 -28.98 -49.13 -21.56
C GLY B 205 -27.64 -49.04 -22.27
N LEU B 206 -27.14 -50.15 -22.78
CA LEU B 206 -25.80 -50.11 -23.34
C LEU B 206 -25.81 -49.29 -24.62
N THR B 207 -24.69 -48.65 -24.91
CA THR B 207 -24.53 -47.77 -26.07
C THR B 207 -23.21 -48.06 -26.77
N GLY B 208 -23.20 -47.95 -28.09
CA GLY B 208 -21.98 -48.05 -28.89
C GLY B 208 -22.00 -46.90 -29.90
N THR B 209 -20.87 -46.57 -30.49
CA THR B 209 -20.79 -45.43 -31.35
C THR B 209 -19.90 -45.81 -32.50
N ALA B 210 -19.98 -45.03 -33.56
CA ALA B 210 -19.11 -45.18 -34.70
C ALA B 210 -19.11 -43.80 -35.31
N THR B 211 -18.16 -43.55 -36.17
CA THR B 211 -18.09 -42.24 -36.80
C THR B 211 -18.47 -42.45 -38.25
N ALA B 212 -18.91 -41.42 -38.89
CA ALA B 212 -19.22 -41.47 -40.30
C ALA B 212 -18.76 -40.14 -40.84
N THR B 213 -18.33 -40.12 -42.08
CA THR B 213 -18.10 -38.85 -42.69
C THR B 213 -19.09 -38.72 -43.85
N ILE B 214 -19.64 -37.53 -44.05
CA ILE B 214 -20.53 -37.27 -45.18
C ILE B 214 -19.96 -36.13 -45.97
N VAL B 215 -19.82 -36.36 -47.27
CA VAL B 215 -19.21 -35.47 -48.24
C VAL B 215 -20.34 -34.86 -49.05
N ILE B 216 -20.36 -33.51 -49.14
CA ILE B 216 -21.29 -32.84 -50.04
C ILE B 216 -20.62 -32.79 -51.43
N ASP B 217 -21.19 -33.50 -52.41
CA ASP B 217 -20.61 -33.64 -53.78
C ASP B 217 -21.07 -32.49 -54.68
N ASP B 218 -20.28 -32.26 -55.76
CA ASP B 218 -20.46 -31.30 -56.88
C ASP B 218 -21.12 -31.94 -58.12
#